data_7YH2
#
_entry.id   7YH2
#
_cell.length_a   63.311
_cell.length_b   68.502
_cell.length_c   72.666
_cell.angle_alpha   90.000
_cell.angle_beta   90.000
_cell.angle_gamma   90.000
#
_symmetry.space_group_name_H-M   'P 21 21 21'
#
loop_
_entity.id
_entity.type
_entity.pdbx_description
1 polymer 'TRAPPC3 from Thorarchaeota AB25'
2 non-polymer 'ZINC ION'
3 water water
#
_entity_poly.entity_id   1
_entity_poly.type   'polypeptide(L)'
_entity_poly.pdbx_seq_one_letter_code
;GPMPKIENPLLISLYSYYVEKTLSETKSIEEANQRLRELGKEIGQQVYLNTEIVEKTKDNVATREDVAKLIEIIYKVLFD
KKPNDIDMKSARGSVRITDDDCVWCQEVNLEGMRGFGYCEVFSGILEAVLEFKDVDAKVFQEMSKATGADSCIWNVRLV
;
_entity_poly.pdbx_strand_id   A,B
#
loop_
_chem_comp.id
_chem_comp.type
_chem_comp.name
_chem_comp.formula
ZN non-polymer 'ZINC ION' 'Zn 2'
#
# COMPACT_ATOMS: atom_id res chain seq x y z
N PRO A 4 6.14 -19.54 -3.46
CA PRO A 4 5.41 -18.62 -2.56
C PRO A 4 5.17 -17.27 -3.22
N LYS A 5 4.40 -17.27 -4.31
CA LYS A 5 4.22 -16.06 -5.10
C LYS A 5 3.33 -15.06 -4.37
N ILE A 6 3.75 -13.79 -4.41
CA ILE A 6 3.03 -12.69 -3.76
C ILE A 6 2.68 -11.65 -4.80
N GLU A 7 1.42 -11.21 -4.80
CA GLU A 7 0.97 -10.13 -5.66
C GLU A 7 1.01 -8.81 -4.88
N ASN A 8 1.35 -7.73 -5.58
CA ASN A 8 1.44 -6.40 -5.00
CA ASN A 8 1.43 -6.40 -4.99
C ASN A 8 2.30 -6.39 -3.74
N PRO A 9 3.57 -6.78 -3.85
CA PRO A 9 4.41 -6.86 -2.64
C PRO A 9 4.52 -5.55 -1.87
N LEU A 10 4.59 -4.40 -2.56
CA LEU A 10 4.70 -3.14 -1.85
C LEU A 10 3.47 -2.89 -0.97
N LEU A 11 2.28 -3.08 -1.54
CA LEU A 11 1.06 -2.86 -0.77
C LEU A 11 0.99 -3.78 0.45
N ILE A 12 1.26 -5.06 0.27
CA ILE A 12 1.12 -6.03 1.35
CA ILE A 12 1.06 -5.96 1.40
C ILE A 12 2.14 -5.76 2.45
N SER A 13 3.35 -5.33 2.06
CA SER A 13 4.39 -5.00 3.06
C SER A 13 4.02 -3.76 3.85
N LEU A 14 3.52 -2.72 3.16
CA LEU A 14 3.05 -1.52 3.86
C LEU A 14 1.87 -1.86 4.76
N TYR A 15 0.95 -2.68 4.28
CA TYR A 15 -0.21 -3.03 5.12
C TYR A 15 0.24 -3.87 6.32
N SER A 16 1.13 -4.83 6.09
CA SER A 16 1.63 -5.61 7.22
C SER A 16 2.27 -4.71 8.28
N TYR A 17 3.00 -3.68 7.84
CA TYR A 17 3.56 -2.71 8.77
C TYR A 17 2.47 -2.04 9.60
N TYR A 18 1.41 -1.55 8.93
CA TYR A 18 0.28 -0.97 9.65
C TYR A 18 -0.38 -1.96 10.61
N VAL A 19 -0.53 -3.22 10.19
CA VAL A 19 -1.15 -4.19 11.09
C VAL A 19 -0.30 -4.38 12.34
N GLU A 20 1.01 -4.55 12.18
CA GLU A 20 1.83 -4.75 13.37
C GLU A 20 1.85 -3.50 14.25
N LYS A 21 1.94 -2.33 13.63
CA LYS A 21 1.88 -1.08 14.39
C LYS A 21 0.56 -0.97 15.14
N THR A 22 -0.55 -1.30 14.47
CA THR A 22 -1.85 -1.21 15.11
C THR A 22 -1.95 -2.17 16.29
N LEU A 23 -1.54 -3.43 16.08
CA LEU A 23 -1.60 -4.40 17.17
C LEU A 23 -0.77 -3.94 18.37
N SER A 24 0.38 -3.32 18.12
CA SER A 24 1.22 -2.89 19.24
CA SER A 24 1.24 -2.88 19.22
C SER A 24 0.72 -1.63 19.92
N GLU A 25 -0.10 -0.82 19.27
CA GLU A 25 -0.56 0.44 19.85
C GLU A 25 -1.99 0.39 20.36
N THR A 26 -2.61 -0.78 20.39
CA THR A 26 -3.96 -0.89 20.89
C THR A 26 -3.98 -1.87 22.08
N LYS A 27 -5.09 -1.85 22.81
CA LYS A 27 -5.18 -2.60 24.05
C LYS A 27 -5.88 -3.95 23.88
N SER A 28 -6.63 -4.14 22.80
CA SER A 28 -7.47 -5.33 22.64
C SER A 28 -7.61 -5.62 21.16
N ILE A 29 -8.02 -6.84 20.86
CA ILE A 29 -8.24 -7.23 19.49
C ILE A 29 -9.37 -6.41 18.87
N GLU A 30 -10.42 -6.14 19.65
CA GLU A 30 -11.52 -5.34 19.09
C GLU A 30 -11.07 -3.92 18.81
N GLU A 31 -10.20 -3.34 19.65
CA GLU A 31 -9.69 -2.00 19.36
C GLU A 31 -8.84 -1.99 18.08
N ALA A 32 -8.06 -3.04 17.87
CA ALA A 32 -7.28 -3.20 16.65
C ALA A 32 -8.19 -3.31 15.42
N ASN A 33 -9.26 -4.10 15.51
CA ASN A 33 -10.21 -4.20 14.41
C ASN A 33 -10.73 -2.82 14.05
N GLN A 34 -11.12 -2.05 15.07
CA GLN A 34 -11.73 -0.75 14.83
C GLN A 34 -10.70 0.21 14.24
N ARG A 35 -9.44 0.11 14.67
CA ARG A 35 -8.41 1.01 14.16
C ARG A 35 -8.12 0.72 12.69
N LEU A 36 -8.11 -0.56 12.29
CA LEU A 36 -7.90 -0.90 10.89
C LEU A 36 -9.10 -0.47 10.05
N ARG A 37 -10.31 -0.55 10.61
CA ARG A 37 -11.46 -0.03 9.90
CA ARG A 37 -11.46 -0.04 9.89
C ARG A 37 -11.34 1.47 9.71
N GLU A 38 -10.88 2.18 10.74
CA GLU A 38 -10.69 3.64 10.62
C GLU A 38 -9.65 3.96 9.56
N LEU A 39 -8.57 3.20 9.51
CA LEU A 39 -7.58 3.36 8.44
C LEU A 39 -8.22 3.18 7.08
N GLY A 40 -9.04 2.14 6.92
CA GLY A 40 -9.71 1.94 5.65
C GLY A 40 -10.61 3.09 5.28
N LYS A 41 -11.31 3.67 6.27
CA LYS A 41 -12.19 4.79 5.97
C LYS A 41 -11.39 6.01 5.53
N GLU A 42 -10.22 6.20 6.13
CA GLU A 42 -9.36 7.31 5.76
C GLU A 42 -8.77 7.15 4.37
N ILE A 43 -8.33 5.95 3.99
CA ILE A 43 -7.78 5.85 2.64
C ILE A 43 -8.88 5.67 1.60
N GLY A 44 -10.07 5.20 2.02
CA GLY A 44 -11.18 5.07 1.09
C GLY A 44 -11.57 6.40 0.46
N GLN A 45 -11.36 7.51 1.18
CA GLN A 45 -11.65 8.82 0.63
CA GLN A 45 -11.65 8.82 0.63
C GLN A 45 -10.89 9.05 -0.68
N GLN A 46 -9.58 8.84 -0.65
CA GLN A 46 -8.78 9.04 -1.86
C GLN A 46 -9.07 7.97 -2.90
N VAL A 47 -9.30 6.74 -2.46
CA VAL A 47 -9.53 5.64 -3.39
C VAL A 47 -10.81 5.88 -4.18
N TYR A 48 -11.84 6.41 -3.51
CA TYR A 48 -13.08 6.70 -4.22
C TYR A 48 -12.87 7.80 -5.26
N LEU A 49 -12.32 8.94 -4.84
CA LEU A 49 -12.25 10.12 -5.68
C LEU A 49 -11.17 10.04 -6.74
N ASN A 50 -10.09 9.30 -6.50
CA ASN A 50 -8.94 9.30 -7.41
C ASN A 50 -8.97 8.14 -8.40
N THR A 51 -10.04 7.36 -8.42
CA THR A 51 -10.11 6.23 -9.32
CA THR A 51 -10.13 6.20 -9.28
C THR A 51 -11.43 6.28 -10.08
N GLU A 52 -11.66 5.28 -10.93
CA GLU A 52 -12.90 5.23 -11.70
C GLU A 52 -14.13 4.97 -10.85
N ILE A 53 -13.98 4.62 -9.56
CA ILE A 53 -15.14 4.30 -8.74
C ILE A 53 -16.12 5.47 -8.72
N VAL A 54 -15.62 6.69 -8.55
CA VAL A 54 -16.54 7.82 -8.49
C VAL A 54 -17.24 8.04 -9.83
N GLU A 55 -16.64 7.57 -10.94
CA GLU A 55 -17.25 7.71 -12.25
C GLU A 55 -18.17 6.54 -12.61
N LYS A 56 -17.92 5.34 -12.11
CA LYS A 56 -18.72 4.19 -12.53
C LYS A 56 -19.95 3.95 -11.66
N THR A 57 -19.99 4.53 -10.46
CA THR A 57 -21.11 4.30 -9.55
C THR A 57 -22.18 5.38 -9.70
N LYS A 58 -23.43 5.00 -9.42
CA LYS A 58 -24.54 5.94 -9.54
C LYS A 58 -24.75 6.70 -8.24
N ASP A 59 -25.43 7.84 -8.34
CA ASP A 59 -25.64 8.71 -7.18
C ASP A 59 -26.61 8.11 -6.17
N ASN A 60 -27.63 7.40 -6.64
CA ASN A 60 -28.74 6.98 -5.80
C ASN A 60 -28.60 5.49 -5.50
N VAL A 61 -27.94 5.18 -4.39
CA VAL A 61 -27.77 3.80 -3.92
C VAL A 61 -28.79 3.57 -2.81
N ALA A 62 -29.85 2.85 -3.11
CA ALA A 62 -30.99 2.73 -2.21
C ALA A 62 -31.17 1.35 -1.60
N THR A 63 -30.92 0.30 -2.36
CA THR A 63 -31.27 -1.06 -1.96
C THR A 63 -30.03 -1.91 -1.74
N ARG A 64 -30.25 -3.06 -1.11
CA ARG A 64 -29.20 -4.06 -0.98
C ARG A 64 -28.65 -4.46 -2.35
N GLU A 65 -29.52 -4.54 -3.36
CA GLU A 65 -29.06 -4.90 -4.70
CA GLU A 65 -29.05 -4.91 -4.69
C GLU A 65 -28.17 -3.80 -5.28
N ASP A 66 -28.54 -2.54 -5.04
CA ASP A 66 -27.67 -1.44 -5.43
C ASP A 66 -26.31 -1.54 -4.73
N VAL A 67 -26.31 -1.89 -3.45
CA VAL A 67 -25.05 -2.03 -2.72
C VAL A 67 -24.20 -3.13 -3.34
N ALA A 68 -24.83 -4.26 -3.66
CA ALA A 68 -24.14 -5.36 -4.34
C ALA A 68 -23.47 -4.89 -5.62
N LYS A 69 -24.21 -4.16 -6.47
CA LYS A 69 -23.61 -3.63 -7.69
C LYS A 69 -22.43 -2.71 -7.37
N LEU A 70 -22.59 -1.85 -6.37
CA LEU A 70 -21.51 -0.94 -5.98
C LEU A 70 -20.27 -1.73 -5.58
N ILE A 71 -20.46 -2.82 -4.85
CA ILE A 71 -19.34 -3.68 -4.45
C ILE A 71 -18.66 -4.28 -5.68
N GLU A 72 -19.44 -4.75 -6.66
CA GLU A 72 -18.84 -5.31 -7.86
CA GLU A 72 -18.85 -5.30 -7.87
C GLU A 72 -18.00 -4.26 -8.59
N ILE A 73 -18.46 -3.00 -8.60
CA ILE A 73 -17.68 -1.94 -9.24
C ILE A 73 -16.37 -1.69 -8.50
N ILE A 74 -16.43 -1.63 -7.17
CA ILE A 74 -15.21 -1.48 -6.38
C ILE A 74 -14.23 -2.61 -6.71
N TYR A 75 -14.74 -3.85 -6.77
CA TYR A 75 -13.85 -4.98 -6.97
C TYR A 75 -13.22 -4.96 -8.35
N LYS A 76 -13.97 -4.59 -9.38
CA LYS A 76 -13.36 -4.61 -10.70
C LYS A 76 -12.37 -3.47 -10.84
N VAL A 77 -12.66 -2.32 -10.23
CA VAL A 77 -11.75 -1.18 -10.37
C VAL A 77 -10.45 -1.43 -9.62
N LEU A 78 -10.54 -1.95 -8.38
CA LEU A 78 -9.34 -2.14 -7.58
C LEU A 78 -8.61 -3.44 -7.90
N PHE A 79 -9.33 -4.54 -8.14
CA PHE A 79 -8.69 -5.85 -8.23
C PHE A 79 -8.88 -6.55 -9.56
N ASP A 80 -9.54 -5.93 -10.54
CA ASP A 80 -9.73 -6.52 -11.87
C ASP A 80 -10.38 -7.91 -11.80
N LYS A 81 -11.27 -8.13 -10.84
CA LYS A 81 -11.99 -9.38 -10.77
C LYS A 81 -13.35 -9.14 -10.13
N LYS A 82 -14.19 -10.16 -10.19
CA LYS A 82 -15.39 -10.08 -9.38
C LYS A 82 -15.15 -10.77 -8.04
N PRO A 83 -15.87 -10.41 -6.99
CA PRO A 83 -15.80 -11.21 -5.76
C PRO A 83 -16.22 -12.63 -6.08
N ASN A 84 -15.70 -13.58 -5.30
CA ASN A 84 -16.10 -14.96 -5.54
C ASN A 84 -17.58 -15.16 -5.22
N ASP A 85 -18.11 -14.45 -4.24
CA ASP A 85 -19.52 -14.56 -3.93
C ASP A 85 -20.03 -13.27 -3.31
N ILE A 86 -21.27 -12.92 -3.62
CA ILE A 86 -21.99 -11.91 -2.87
C ILE A 86 -23.29 -12.55 -2.43
N ASP A 87 -23.52 -12.61 -1.13
CA ASP A 87 -24.57 -13.42 -0.52
C ASP A 87 -25.59 -12.49 0.15
N MET A 88 -26.81 -12.45 -0.39
CA MET A 88 -27.87 -11.56 0.03
CA MET A 88 -27.80 -11.53 0.13
C MET A 88 -28.86 -12.20 0.99
N LYS A 89 -28.66 -13.47 1.34
CA LYS A 89 -29.68 -14.25 2.02
C LYS A 89 -29.27 -14.87 3.36
N SER A 90 -27.99 -15.20 3.55
CA SER A 90 -27.62 -15.98 4.74
C SER A 90 -27.63 -15.13 6.01
N ALA A 91 -27.13 -13.91 5.95
CA ALA A 91 -27.17 -12.97 7.06
C ALA A 91 -28.32 -12.00 6.76
N ARG A 92 -29.45 -12.18 7.44
CA ARG A 92 -30.59 -11.32 7.18
C ARG A 92 -30.23 -9.86 7.42
N GLY A 93 -30.64 -8.99 6.51
CA GLY A 93 -30.29 -7.58 6.56
C GLY A 93 -28.86 -7.24 6.17
N SER A 94 -28.06 -8.22 5.74
CA SER A 94 -26.68 -7.97 5.36
C SER A 94 -26.42 -8.42 3.94
N VAL A 95 -25.30 -7.92 3.42
CA VAL A 95 -24.69 -8.41 2.19
C VAL A 95 -23.32 -8.95 2.58
N ARG A 96 -23.05 -10.21 2.26
CA ARG A 96 -21.77 -10.84 2.58
C ARG A 96 -20.94 -10.99 1.31
N ILE A 97 -19.68 -10.57 1.38
CA ILE A 97 -18.76 -10.59 0.24
C ILE A 97 -17.65 -11.59 0.54
N THR A 98 -17.41 -12.50 -0.39
CA THR A 98 -16.38 -13.52 -0.25
C THR A 98 -15.31 -13.33 -1.31
N ASP A 99 -14.04 -13.38 -0.89
CA ASP A 99 -12.88 -13.33 -1.77
C ASP A 99 -11.97 -14.50 -1.41
N ASP A 100 -11.79 -15.43 -2.35
CA ASP A 100 -10.92 -16.59 -2.12
C ASP A 100 -9.43 -16.27 -2.24
N ASP A 101 -9.07 -15.13 -2.83
CA ASP A 101 -7.65 -14.76 -2.99
CA ASP A 101 -7.67 -14.75 -3.02
C ASP A 101 -7.48 -13.29 -2.60
N CYS A 102 -7.75 -13.01 -1.34
CA CYS A 102 -7.68 -11.65 -0.80
C CYS A 102 -6.27 -11.09 -0.97
N VAL A 103 -6.18 -9.83 -1.43
CA VAL A 103 -4.84 -9.24 -1.60
C VAL A 103 -4.18 -8.99 -0.25
N TRP A 104 -4.95 -8.62 0.78
CA TRP A 104 -4.36 -8.06 1.99
C TRP A 104 -3.57 -9.10 2.79
N CYS A 105 -4.02 -10.37 2.83
CA CYS A 105 -3.51 -11.36 3.76
C CYS A 105 -2.74 -12.51 3.09
N GLN A 106 -2.26 -12.31 1.86
CA GLN A 106 -1.54 -13.35 1.14
C GLN A 106 -0.43 -13.95 2.01
N GLU A 107 -0.48 -15.26 2.22
CA GLU A 107 0.55 -16.00 2.93
C GLU A 107 0.66 -15.62 4.41
N VAL A 108 -0.25 -14.81 4.94
CA VAL A 108 -0.21 -14.47 6.35
C VAL A 108 -0.76 -15.64 7.16
N ASN A 109 -0.09 -15.94 8.28
CA ASN A 109 -0.53 -17.04 9.15
C ASN A 109 -0.43 -16.64 10.63
N LEU A 110 -1.50 -16.10 11.17
CA LEU A 110 -1.58 -15.78 12.58
C LEU A 110 -2.27 -16.91 13.31
N GLU A 111 -1.79 -17.23 14.52
CA GLU A 111 -2.45 -18.27 15.32
C GLU A 111 -2.93 -17.68 16.64
N GLY A 112 -4.01 -18.26 17.17
CA GLY A 112 -4.61 -17.79 18.40
C GLY A 112 -5.23 -16.41 18.32
N MET A 113 -5.57 -15.94 17.12
CA MET A 113 -6.12 -14.60 16.94
C MET A 113 -7.38 -14.64 16.09
N ARG A 114 -8.26 -15.61 16.34
CA ARG A 114 -9.46 -15.78 15.51
C ARG A 114 -10.40 -14.57 15.58
N GLY A 115 -10.40 -13.83 16.68
CA GLY A 115 -11.24 -12.65 16.64
C GLY A 115 -10.70 -11.46 15.87
N PHE A 116 -9.51 -11.57 15.30
CA PHE A 116 -8.84 -10.42 14.72
C PHE A 116 -9.15 -10.41 13.23
N GLY A 117 -9.73 -9.30 12.77
CA GLY A 117 -9.95 -9.12 11.34
C GLY A 117 -8.76 -8.48 10.64
N TYR A 118 -7.84 -9.32 10.19
CA TYR A 118 -6.59 -8.83 9.62
C TYR A 118 -6.86 -7.89 8.46
N CYS A 119 -7.96 -8.11 7.73
CA CYS A 119 -8.23 -7.38 6.50
C CYS A 119 -9.36 -6.38 6.72
N GLU A 120 -9.53 -5.92 7.97
CA GLU A 120 -10.58 -4.94 8.27
C GLU A 120 -10.37 -3.60 7.56
N VAL A 121 -9.18 -3.34 7.00
CA VAL A 121 -9.01 -2.14 6.19
C VAL A 121 -10.04 -2.10 5.08
N PHE A 122 -10.36 -3.27 4.51
CA PHE A 122 -11.34 -3.26 3.44
C PHE A 122 -12.74 -2.96 3.95
N SER A 123 -13.07 -3.41 5.17
CA SER A 123 -14.33 -3.00 5.80
C SER A 123 -14.45 -1.48 5.81
N GLY A 124 -13.37 -0.81 6.22
CA GLY A 124 -13.39 0.65 6.25
C GLY A 124 -13.53 1.27 4.87
N ILE A 125 -12.85 0.70 3.87
CA ILE A 125 -12.97 1.25 2.52
C ILE A 125 -14.41 1.16 2.02
N LEU A 126 -15.10 0.06 2.32
CA LEU A 126 -16.50 -0.04 1.91
C LEU A 126 -17.39 0.93 2.68
N GLU A 127 -17.19 1.06 4.00
CA GLU A 127 -17.95 2.04 4.77
C GLU A 127 -17.76 3.44 4.21
N ALA A 128 -16.52 3.79 3.84
CA ALA A 128 -16.23 5.11 3.27
C ALA A 128 -16.96 5.32 1.96
N VAL A 129 -16.93 4.33 1.07
CA VAL A 129 -17.62 4.52 -0.21
C VAL A 129 -19.12 4.63 0.01
N LEU A 130 -19.68 3.79 0.88
CA LEU A 130 -21.12 3.90 1.15
C LEU A 130 -21.46 5.25 1.78
N GLU A 131 -20.58 5.76 2.64
CA GLU A 131 -20.82 7.07 3.24
C GLU A 131 -20.86 8.18 2.19
N PHE A 132 -20.01 8.09 1.16
CA PHE A 132 -20.12 9.06 0.07
C PHE A 132 -21.50 9.02 -0.57
N LYS A 133 -22.12 7.84 -0.59
CA LYS A 133 -23.46 7.70 -1.15
C LYS A 133 -24.54 7.93 -0.11
N ASP A 134 -24.15 8.44 1.07
CA ASP A 134 -25.06 8.71 2.18
C ASP A 134 -25.89 7.46 2.52
N VAL A 135 -25.22 6.32 2.49
CA VAL A 135 -25.75 5.04 2.94
C VAL A 135 -25.08 4.74 4.26
N ASP A 136 -25.84 4.76 5.35
CA ASP A 136 -25.29 4.40 6.65
C ASP A 136 -25.15 2.89 6.71
N ALA A 137 -23.93 2.43 6.92
CA ALA A 137 -23.66 1.00 6.89
C ALA A 137 -22.65 0.69 7.97
N LYS A 138 -22.69 -0.54 8.44
CA LYS A 138 -21.68 -1.04 9.35
C LYS A 138 -21.09 -2.27 8.69
N VAL A 139 -19.76 -2.30 8.57
CA VAL A 139 -19.07 -3.37 7.85
C VAL A 139 -18.06 -3.99 8.78
N PHE A 140 -18.03 -5.32 8.84
CA PHE A 140 -16.98 -5.97 9.60
C PHE A 140 -16.51 -7.22 8.85
N GLN A 141 -15.32 -7.71 9.21
CA GLN A 141 -14.82 -8.92 8.60
C GLN A 141 -15.25 -10.13 9.40
N GLU A 142 -15.89 -11.08 8.71
CA GLU A 142 -16.38 -12.30 9.38
C GLU A 142 -15.27 -13.32 9.53
N MET A 143 -14.46 -13.49 8.48
CA MET A 143 -13.37 -14.43 8.55
CA MET A 143 -13.47 -14.54 8.37
C MET A 143 -12.27 -13.99 7.62
N SER A 144 -11.06 -14.47 7.93
CA SER A 144 -9.83 -14.05 7.26
C SER A 144 -8.94 -15.26 7.03
N LYS A 145 -8.40 -15.41 5.82
CA LYS A 145 -7.40 -16.45 5.63
C LYS A 145 -6.21 -16.25 6.57
N ALA A 146 -5.91 -15.01 6.96
CA ALA A 146 -4.81 -14.75 7.87
C ALA A 146 -4.95 -15.52 9.17
N THR A 147 -6.18 -15.72 9.64
CA THR A 147 -6.41 -16.44 10.89
C THR A 147 -6.94 -17.85 10.66
N GLY A 148 -6.77 -18.39 9.46
CA GLY A 148 -6.97 -19.81 9.22
C GLY A 148 -8.23 -20.18 8.47
N ALA A 149 -9.02 -19.21 8.03
CA ALA A 149 -10.21 -19.52 7.26
C ALA A 149 -9.84 -19.85 5.82
N ASP A 150 -10.78 -20.49 5.10
CA ASP A 150 -10.56 -20.83 3.69
C ASP A 150 -10.76 -19.64 2.75
N SER A 151 -11.44 -18.58 3.20
CA SER A 151 -11.61 -17.39 2.40
CA SER A 151 -11.63 -17.39 2.40
C SER A 151 -11.74 -16.18 3.32
N CYS A 152 -11.70 -14.99 2.72
CA CYS A 152 -12.01 -13.78 3.49
C CYS A 152 -13.43 -13.36 3.19
N ILE A 153 -14.16 -12.98 4.24
CA ILE A 153 -15.57 -12.66 4.12
C ILE A 153 -15.84 -11.41 4.92
N TRP A 154 -16.49 -10.43 4.29
CA TRP A 154 -16.90 -9.19 4.93
C TRP A 154 -18.42 -9.10 4.91
N ASN A 155 -18.96 -8.51 5.97
CA ASN A 155 -20.39 -8.47 6.19
C ASN A 155 -20.79 -7.00 6.19
N VAL A 156 -21.66 -6.62 5.26
CA VAL A 156 -22.10 -5.24 5.10
C VAL A 156 -23.54 -5.17 5.58
N ARG A 157 -23.77 -4.50 6.70
CA ARG A 157 -25.12 -4.35 7.24
C ARG A 157 -25.61 -2.94 6.98
N LEU A 158 -26.76 -2.81 6.30
CA LEU A 158 -27.34 -1.50 6.04
C LEU A 158 -28.14 -1.11 7.27
N VAL A 159 -27.53 -0.28 8.12
CA VAL A 159 -28.02 0.08 9.45
C VAL A 159 -27.37 1.37 9.91
N PRO B 4 -7.19 11.47 -15.01
CA PRO B 4 -5.86 11.22 -14.44
C PRO B 4 -5.74 9.83 -13.80
N LYS B 5 -5.40 8.82 -14.59
CA LYS B 5 -5.42 7.44 -14.13
C LYS B 5 -4.25 7.15 -13.18
N ILE B 6 -4.53 6.38 -12.13
CA ILE B 6 -3.52 6.07 -11.11
C ILE B 6 -3.26 4.56 -11.12
N GLU B 7 -1.98 4.20 -11.12
CA GLU B 7 -1.58 2.82 -10.89
C GLU B 7 -1.49 2.54 -9.39
N ASN B 8 -1.95 1.36 -9.00
CA ASN B 8 -1.89 0.90 -7.61
CA ASN B 8 -1.87 0.91 -7.62
C ASN B 8 -2.48 1.91 -6.64
N PRO B 9 -3.78 2.22 -6.78
CA PRO B 9 -4.37 3.27 -5.93
C PRO B 9 -4.39 2.93 -4.45
N LEU B 10 -4.47 1.64 -4.07
CA LEU B 10 -4.45 1.31 -2.64
C LEU B 10 -3.08 1.61 -2.04
N LEU B 11 -2.02 1.25 -2.73
CA LEU B 11 -0.68 1.56 -2.22
C LEU B 11 -0.49 3.06 -2.06
N ILE B 12 -0.90 3.82 -3.08
CA ILE B 12 -0.72 5.28 -3.11
C ILE B 12 -1.50 5.94 -1.98
N SER B 13 -2.72 5.47 -1.74
CA SER B 13 -3.54 6.11 -0.71
C SER B 13 -3.05 5.75 0.68
N LEU B 14 -2.62 4.49 0.87
CA LEU B 14 -2.07 4.09 2.16
CA LEU B 14 -2.07 4.09 2.16
C LEU B 14 -0.78 4.83 2.45
N TYR B 15 0.08 4.97 1.44
CA TYR B 15 1.31 5.74 1.64
C TYR B 15 0.99 7.20 1.92
N SER B 16 0.01 7.76 1.22
CA SER B 16 -0.36 9.15 1.47
C SER B 16 -0.80 9.34 2.90
N TYR B 17 -1.54 8.36 3.45
CA TYR B 17 -1.93 8.45 4.85
C TYR B 17 -0.71 8.45 5.76
N TYR B 18 0.26 7.60 5.46
CA TYR B 18 1.46 7.55 6.27
C TYR B 18 2.21 8.88 6.23
N VAL B 19 2.33 9.47 5.05
CA VAL B 19 3.05 10.74 4.93
C VAL B 19 2.34 11.82 5.75
N GLU B 20 1.02 11.90 5.62
CA GLU B 20 0.32 12.98 6.33
C GLU B 20 0.46 12.81 7.84
N LYS B 21 0.34 11.56 8.34
CA LYS B 21 0.52 11.32 9.76
C LYS B 21 1.94 11.66 10.21
N THR B 22 2.92 11.32 9.36
CA THR B 22 4.32 11.61 9.68
C THR B 22 4.55 13.10 9.79
N LEU B 23 4.08 13.87 8.81
CA LEU B 23 4.21 15.32 8.86
C LEU B 23 3.56 15.91 10.11
N SER B 24 2.42 15.36 10.53
CA SER B 24 1.77 15.90 11.72
C SER B 24 2.48 15.52 13.02
N GLU B 25 3.26 14.45 13.03
CA GLU B 25 3.90 13.97 14.26
C GLU B 25 5.33 14.46 14.45
N THR B 26 6.02 14.83 13.37
CA THR B 26 7.42 15.18 13.48
C THR B 26 7.57 16.69 13.65
N LYS B 27 8.76 17.11 14.06
CA LYS B 27 9.01 18.51 14.41
C LYS B 27 9.80 19.25 13.33
N SER B 28 10.21 18.58 12.26
CA SER B 28 10.91 19.23 11.16
C SER B 28 10.73 18.38 9.91
N ILE B 29 10.98 18.99 8.76
CA ILE B 29 10.89 18.29 7.49
C ILE B 29 11.95 17.18 7.40
N GLU B 30 13.15 17.46 7.89
CA GLU B 30 14.18 16.42 7.84
C GLU B 30 13.83 15.23 8.74
N GLU B 31 13.19 15.48 9.89
CA GLU B 31 12.72 14.35 10.72
C GLU B 31 11.66 13.54 9.99
N ALA B 32 10.75 14.20 9.26
CA ALA B 32 9.79 13.48 8.43
C ALA B 32 10.49 12.67 7.34
N ASN B 33 11.46 13.27 6.64
CA ASN B 33 12.26 12.53 5.68
C ASN B 33 12.84 11.26 6.31
N GLN B 34 13.43 11.40 7.49
CA GLN B 34 14.07 10.23 8.11
C GLN B 34 13.03 9.16 8.47
N ARG B 35 11.84 9.56 8.92
CA ARG B 35 10.80 8.57 9.22
C ARG B 35 10.35 7.82 7.97
N LEU B 36 10.24 8.53 6.84
CA LEU B 36 9.89 7.85 5.60
C LEU B 36 10.96 6.88 5.16
N ARG B 37 12.24 7.24 5.35
N ARG B 37 12.24 7.25 5.35
CA ARG B 37 13.31 6.30 5.02
CA ARG B 37 13.32 6.31 5.04
C ARG B 37 13.27 5.09 5.94
C ARG B 37 13.24 5.09 5.92
N GLU B 38 12.95 5.28 7.21
CA GLU B 38 12.88 4.16 8.14
C GLU B 38 11.74 3.22 7.78
N LEU B 39 10.58 3.77 7.41
CA LEU B 39 9.50 2.94 6.85
C LEU B 39 10.00 2.16 5.64
N GLY B 40 10.70 2.84 4.73
CA GLY B 40 11.25 2.17 3.56
C GLY B 40 12.17 1.02 3.89
N LYS B 41 13.01 1.18 4.94
CA LYS B 41 13.91 0.09 5.33
C LYS B 41 13.12 -1.13 5.81
N GLU B 42 12.01 -0.88 6.51
CA GLU B 42 11.16 -1.97 6.99
CA GLU B 42 11.20 -2.00 6.99
C GLU B 42 10.46 -2.66 5.84
N ILE B 43 9.89 -1.87 4.92
CA ILE B 43 9.31 -2.41 3.68
C ILE B 43 10.36 -3.16 2.90
N GLY B 44 11.57 -2.61 2.83
CA GLY B 44 12.60 -3.21 2.02
C GLY B 44 12.97 -4.60 2.49
N GLN B 45 12.96 -4.81 3.81
CA GLN B 45 13.20 -6.14 4.35
C GLN B 45 12.15 -7.13 3.86
N GLN B 46 10.88 -6.73 3.89
CA GLN B 46 9.83 -7.64 3.44
C GLN B 46 9.89 -7.86 1.92
N VAL B 47 10.24 -6.83 1.15
CA VAL B 47 10.21 -7.04 -0.30
C VAL B 47 11.42 -7.83 -0.75
N TYR B 48 12.51 -7.79 0.00
CA TYR B 48 13.66 -8.61 -0.33
C TYR B 48 13.40 -10.07 -0.01
N LEU B 49 12.71 -10.33 1.10
CA LEU B 49 12.48 -11.70 1.51
C LEU B 49 11.34 -12.36 0.74
N ASN B 50 10.43 -11.58 0.17
CA ASN B 50 9.19 -12.13 -0.37
C ASN B 50 9.02 -11.89 -1.87
N THR B 51 10.08 -11.50 -2.58
CA THR B 51 10.01 -11.34 -4.04
C THR B 51 11.22 -12.02 -4.67
N GLU B 52 11.29 -11.90 -5.99
CA GLU B 52 12.38 -12.44 -6.79
C GLU B 52 13.68 -11.67 -6.65
N ILE B 53 13.71 -10.54 -5.93
CA ILE B 53 14.94 -9.76 -5.87
C ILE B 53 16.08 -10.61 -5.34
N VAL B 54 15.82 -11.36 -4.25
CA VAL B 54 16.87 -12.15 -3.64
C VAL B 54 17.39 -13.22 -4.59
N GLU B 55 16.53 -13.77 -5.45
CA GLU B 55 16.97 -14.85 -6.33
C GLU B 55 17.62 -14.36 -7.63
N LYS B 56 17.35 -13.11 -8.02
CA LYS B 56 17.84 -12.61 -9.30
C LYS B 56 19.10 -11.75 -9.19
N THR B 57 19.54 -11.42 -7.98
CA THR B 57 20.68 -10.51 -7.79
C THR B 57 21.91 -11.28 -7.34
N LYS B 58 23.08 -10.72 -7.67
CA LYS B 58 24.35 -11.34 -7.29
C LYS B 58 24.57 -11.25 -5.78
N ASP B 59 25.30 -12.23 -5.25
CA ASP B 59 25.62 -12.24 -3.83
C ASP B 59 26.73 -11.25 -3.48
N ASN B 60 27.76 -11.13 -4.34
CA ASN B 60 28.93 -10.31 -4.06
C ASN B 60 28.87 -9.06 -4.92
N VAL B 61 28.42 -7.95 -4.31
CA VAL B 61 28.28 -6.65 -4.97
C VAL B 61 29.45 -5.80 -4.52
N ALA B 62 30.43 -5.59 -5.41
CA ALA B 62 31.68 -4.95 -5.02
C ALA B 62 31.96 -3.62 -5.71
N THR B 63 31.45 -3.39 -6.92
CA THR B 63 31.76 -2.17 -7.66
C THR B 63 30.53 -1.28 -7.79
N ARG B 64 30.79 -0.03 -8.20
CA ARG B 64 29.71 0.89 -8.54
C ARG B 64 28.84 0.32 -9.65
N GLU B 65 29.46 -0.34 -10.64
CA GLU B 65 28.71 -1.00 -11.70
C GLU B 65 27.81 -2.09 -11.15
N ASP B 66 28.27 -2.83 -10.15
CA ASP B 66 27.43 -3.87 -9.54
C ASP B 66 26.21 -3.26 -8.86
N VAL B 67 26.37 -2.12 -8.18
CA VAL B 67 25.23 -1.49 -7.51
C VAL B 67 24.20 -1.03 -8.54
N ALA B 68 24.67 -0.46 -9.65
CA ALA B 68 23.75 -0.04 -10.71
C ALA B 68 22.94 -1.21 -11.24
N LYS B 69 23.57 -2.38 -11.45
CA LYS B 69 22.81 -3.49 -12.00
C LYS B 69 21.81 -4.01 -10.97
N LEU B 70 22.20 -4.00 -9.69
CA LEU B 70 21.26 -4.36 -8.63
C LEU B 70 20.03 -3.44 -8.64
N ILE B 71 20.24 -2.15 -8.85
CA ILE B 71 19.11 -1.21 -8.89
C ILE B 71 18.18 -1.55 -10.06
N GLU B 72 18.76 -1.87 -11.22
CA GLU B 72 17.95 -2.29 -12.37
C GLU B 72 17.10 -3.52 -12.03
N ILE B 73 17.67 -4.45 -11.28
CA ILE B 73 16.91 -5.66 -10.98
C ILE B 73 15.77 -5.34 -10.01
N ILE B 74 16.03 -4.50 -9.00
CA ILE B 74 14.95 -4.05 -8.11
C ILE B 74 13.83 -3.42 -8.92
N TYR B 75 14.18 -2.53 -9.85
CA TYR B 75 13.17 -1.83 -10.62
C TYR B 75 12.37 -2.79 -11.50
N LYS B 76 13.05 -3.75 -12.13
CA LYS B 76 12.34 -4.75 -12.93
C LYS B 76 11.37 -5.55 -12.07
N VAL B 77 11.81 -6.00 -10.90
CA VAL B 77 10.95 -6.87 -10.08
C VAL B 77 9.78 -6.07 -9.52
N LEU B 78 10.03 -4.86 -9.01
CA LEU B 78 8.99 -4.12 -8.32
C LEU B 78 8.06 -3.38 -9.28
N PHE B 79 8.60 -2.81 -10.36
CA PHE B 79 7.81 -1.95 -11.25
C PHE B 79 7.71 -2.46 -12.69
N ASP B 80 8.33 -3.59 -13.01
CA ASP B 80 8.35 -4.13 -14.37
C ASP B 80 8.79 -3.07 -15.39
N LYS B 81 9.81 -2.28 -15.02
CA LYS B 81 10.39 -1.33 -15.96
C LYS B 81 11.81 -1.03 -15.54
N LYS B 82 12.53 -0.34 -16.44
CA LYS B 82 13.83 0.15 -16.06
C LYS B 82 13.71 1.60 -15.60
N PRO B 83 14.61 2.07 -14.74
CA PRO B 83 14.63 3.51 -14.46
C PRO B 83 14.91 4.27 -15.73
N ASN B 84 14.42 5.51 -15.79
CA ASN B 84 14.70 6.33 -16.96
C ASN B 84 16.19 6.63 -17.08
N ASP B 85 16.88 6.77 -15.96
CA ASP B 85 18.32 6.96 -16.02
C ASP B 85 18.97 6.43 -14.76
N ILE B 86 20.14 5.84 -14.92
CA ILE B 86 21.04 5.50 -13.84
C ILE B 86 22.35 6.19 -14.15
N ASP B 87 22.76 7.11 -13.29
CA ASP B 87 23.88 8.00 -13.58
C ASP B 87 25.01 7.76 -12.59
N MET B 88 26.12 7.27 -13.11
CA MET B 88 27.35 7.18 -12.33
CA MET B 88 27.36 7.16 -12.35
C MET B 88 28.39 8.20 -12.79
N LYS B 89 27.95 9.22 -13.53
CA LYS B 89 28.80 10.26 -14.11
C LYS B 89 28.70 11.58 -13.33
N SER B 90 27.50 12.15 -13.23
CA SER B 90 27.36 13.51 -12.71
C SER B 90 27.80 13.61 -11.25
N ALA B 91 27.58 12.56 -10.47
CA ALA B 91 27.93 12.53 -9.06
C ALA B 91 28.90 11.37 -8.84
N ARG B 92 30.18 11.72 -8.83
CA ARG B 92 31.29 10.80 -8.67
C ARG B 92 31.25 10.10 -7.31
N GLY B 93 31.23 8.76 -7.32
CA GLY B 93 31.14 7.97 -6.10
C GLY B 93 29.74 7.62 -5.67
N SER B 94 28.73 8.21 -6.30
CA SER B 94 27.36 7.92 -6.00
C SER B 94 26.65 7.52 -7.29
N VAL B 95 25.45 6.97 -7.12
CA VAL B 95 24.62 6.50 -8.23
C VAL B 95 23.29 7.22 -8.12
N ARG B 96 22.88 7.92 -9.20
CA ARG B 96 21.66 8.70 -9.22
C ARG B 96 20.62 8.02 -10.11
N ILE B 97 19.43 7.75 -9.56
CA ILE B 97 18.36 7.04 -10.25
C ILE B 97 17.25 8.02 -10.59
N THR B 98 16.85 8.07 -11.86
CA THR B 98 15.75 8.93 -12.31
C THR B 98 14.55 8.10 -12.73
N ASP B 99 13.37 8.49 -12.25
CA ASP B 99 12.10 7.83 -12.59
C ASP B 99 11.13 8.92 -13.01
N ASP B 100 10.74 8.92 -14.28
CA ASP B 100 9.80 9.93 -14.78
C ASP B 100 8.35 9.64 -14.43
N ASP B 101 8.03 8.43 -13.94
CA ASP B 101 6.65 8.07 -13.63
C ASP B 101 6.64 7.28 -12.31
N CYS B 102 7.09 7.96 -11.26
CA CYS B 102 7.20 7.36 -9.94
C CYS B 102 5.84 6.87 -9.45
N VAL B 103 5.83 5.68 -8.84
CA VAL B 103 4.55 5.12 -8.38
C VAL B 103 4.05 5.89 -7.17
N TRP B 104 4.97 6.41 -6.34
CA TRP B 104 4.61 6.87 -5.01
C TRP B 104 3.80 8.15 -5.06
N CYS B 105 4.18 9.08 -5.94
CA CYS B 105 3.61 10.43 -5.95
C CYS B 105 2.66 10.69 -7.12
N GLN B 106 2.02 9.66 -7.67
CA GLN B 106 1.06 9.90 -8.75
C GLN B 106 -0.01 10.87 -8.27
N GLU B 107 -0.18 11.96 -9.01
CA GLU B 107 -1.22 12.95 -8.78
C GLU B 107 -1.08 13.72 -7.46
N VAL B 108 0.06 13.57 -6.74
CA VAL B 108 0.28 14.37 -5.54
C VAL B 108 0.87 15.72 -5.96
N ASN B 109 0.36 16.81 -5.38
CA ASN B 109 0.89 18.15 -5.71
C ASN B 109 0.98 19.01 -4.45
N LEU B 110 1.97 18.77 -3.60
CA LEU B 110 2.04 19.53 -2.34
C LEU B 110 2.35 21.00 -2.60
N GLU B 111 1.85 21.88 -1.74
CA GLU B 111 2.27 23.27 -1.77
C GLU B 111 3.32 23.54 -0.68
N GLY B 112 4.36 24.27 -1.05
CA GLY B 112 5.47 24.54 -0.14
C GLY B 112 6.34 23.31 0.05
N MET B 113 6.76 23.09 1.29
CA MET B 113 7.45 21.86 1.70
C MET B 113 8.86 21.75 1.11
N ARG B 114 9.58 22.88 1.00
CA ARG B 114 10.96 22.81 0.50
C ARG B 114 11.78 21.89 1.39
N GLY B 115 12.57 21.00 0.77
CA GLY B 115 13.38 20.04 1.47
C GLY B 115 12.70 18.72 1.75
N PHE B 116 11.38 18.63 1.58
CA PHE B 116 10.67 17.40 1.85
C PHE B 116 10.72 16.49 0.63
N GLY B 117 11.11 15.24 0.85
CA GLY B 117 11.11 14.22 -0.18
C GLY B 117 9.91 13.30 0.01
N TYR B 118 8.85 13.54 -0.75
CA TYR B 118 7.63 12.79 -0.56
C TYR B 118 7.84 11.28 -0.74
N CYS B 119 8.76 10.92 -1.61
CA CYS B 119 9.00 9.53 -1.97
C CYS B 119 10.26 8.98 -1.29
N GLU B 120 10.65 9.53 -0.13
CA GLU B 120 11.81 9.00 0.57
C GLU B 120 11.61 7.55 1.03
N VAL B 121 10.38 7.03 0.98
CA VAL B 121 10.20 5.61 1.27
C VAL B 121 11.10 4.77 0.36
N PHE B 122 11.27 5.17 -0.89
CA PHE B 122 12.12 4.37 -1.79
C PHE B 122 13.61 4.48 -1.46
N SER B 123 14.05 5.62 -0.91
CA SER B 123 15.42 5.71 -0.38
C SER B 123 15.65 4.62 0.65
N GLY B 124 14.69 4.42 1.54
CA GLY B 124 14.83 3.40 2.56
C GLY B 124 14.81 2.00 1.97
N ILE B 125 13.93 1.75 1.00
CA ILE B 125 13.93 0.44 0.34
C ILE B 125 15.28 0.15 -0.29
N LEU B 126 15.86 1.15 -0.97
CA LEU B 126 17.17 0.93 -1.57
C LEU B 126 18.23 0.70 -0.53
N GLU B 127 18.25 1.51 0.53
CA GLU B 127 19.26 1.32 1.57
C GLU B 127 19.15 -0.06 2.19
N ALA B 128 17.91 -0.54 2.40
CA ALA B 128 17.72 -1.86 3.00
C ALA B 128 18.20 -2.98 2.08
N VAL B 129 17.87 -2.91 0.79
CA VAL B 129 18.35 -3.96 -0.12
C VAL B 129 19.87 -3.99 -0.18
N LEU B 130 20.48 -2.82 -0.34
CA LEU B 130 21.94 -2.75 -0.37
C LEU B 130 22.54 -3.30 0.91
N GLU B 131 21.92 -3.00 2.06
CA GLU B 131 22.41 -3.54 3.32
C GLU B 131 22.40 -5.07 3.33
N PHE B 132 21.33 -5.69 2.80
CA PHE B 132 21.32 -7.15 2.66
C PHE B 132 22.49 -7.64 1.84
N LYS B 133 23.01 -6.80 0.93
CA LYS B 133 24.16 -7.16 0.09
C LYS B 133 25.49 -6.71 0.68
N ASP B 134 25.52 -6.26 1.93
CA ASP B 134 26.74 -5.81 2.59
C ASP B 134 27.28 -4.52 1.95
N VAL B 135 26.41 -3.71 1.36
CA VAL B 135 26.82 -2.45 0.72
C VAL B 135 26.30 -1.32 1.58
N ASP B 136 27.21 -0.58 2.21
CA ASP B 136 26.83 0.57 3.02
C ASP B 136 26.52 1.73 2.08
N ALA B 137 25.33 2.28 2.19
CA ALA B 137 24.93 3.41 1.38
C ALA B 137 24.07 4.33 2.20
N LYS B 138 24.09 5.61 1.85
CA LYS B 138 23.08 6.56 2.31
C LYS B 138 22.35 7.04 1.06
N VAL B 139 21.03 7.02 1.10
CA VAL B 139 20.19 7.36 -0.04
C VAL B 139 19.27 8.50 0.37
N PHE B 140 19.11 9.48 -0.53
CA PHE B 140 18.16 10.57 -0.33
C PHE B 140 17.51 10.94 -1.65
N GLN B 141 16.33 11.56 -1.56
CA GLN B 141 15.63 12.02 -2.76
C GLN B 141 16.09 13.43 -3.11
N GLU B 142 16.57 13.63 -4.35
CA GLU B 142 16.95 14.96 -4.82
C GLU B 142 15.75 15.80 -5.22
N MET B 143 14.73 15.19 -5.80
CA MET B 143 13.56 15.95 -6.21
C MET B 143 12.40 14.98 -6.38
N SER B 144 11.20 15.53 -6.31
CA SER B 144 10.00 14.72 -6.34
C SER B 144 8.95 15.48 -7.16
N LYS B 145 8.16 14.75 -7.96
CA LYS B 145 7.05 15.40 -8.64
C LYS B 145 6.01 15.91 -7.67
N ALA B 146 5.98 15.38 -6.44
CA ALA B 146 5.01 15.87 -5.46
C ALA B 146 5.21 17.34 -5.15
N THR B 147 6.45 17.83 -5.24
CA THR B 147 6.79 19.21 -4.95
C THR B 147 7.10 19.98 -6.23
N GLY B 148 6.68 19.45 -7.37
CA GLY B 148 6.66 20.20 -8.62
C GLY B 148 7.78 19.92 -9.58
N ALA B 149 8.67 18.97 -9.27
CA ALA B 149 9.66 18.55 -10.26
C ALA B 149 8.97 17.79 -11.40
N ASP B 150 9.68 17.68 -12.53
CA ASP B 150 9.20 16.84 -13.63
C ASP B 150 9.61 15.39 -13.49
N SER B 151 10.42 15.05 -12.48
CA SER B 151 10.89 13.69 -12.29
C SER B 151 11.17 13.48 -10.81
N CYS B 152 11.32 12.21 -10.43
CA CYS B 152 11.78 11.85 -9.11
C CYS B 152 13.19 11.30 -9.26
N ILE B 153 14.11 11.76 -8.42
CA ILE B 153 15.51 11.36 -8.48
C ILE B 153 15.96 10.98 -7.09
N TRP B 154 16.59 9.82 -6.98
CA TRP B 154 17.20 9.39 -5.73
C TRP B 154 18.70 9.25 -5.93
N ASN B 155 19.45 9.65 -4.90
CA ASN B 155 20.91 9.71 -4.95
C ASN B 155 21.45 8.70 -3.96
N VAL B 156 22.13 7.68 -4.47
CA VAL B 156 22.67 6.59 -3.66
C VAL B 156 24.15 6.87 -3.44
N ARG B 157 24.54 7.18 -2.22
CA ARG B 157 25.94 7.49 -1.92
C ARG B 157 26.59 6.27 -1.28
N LEU B 158 27.64 5.77 -1.90
CA LEU B 158 28.32 4.56 -1.44
C LEU B 158 29.37 4.92 -0.40
N VAL B 159 29.57 3.98 0.53
CA VAL B 159 30.33 4.17 1.78
C VAL B 159 29.43 4.95 2.75
ZN ZN C . -7.85 -11.26 3.55
ZN ZN D . 7.91 10.16 -6.64
#